data_6VGG
#
_entry.id   6VGG
#
_cell.length_a   104.678
_cell.length_b   104.678
_cell.length_c   322.836
_cell.angle_alpha   90.000
_cell.angle_beta   90.000
_cell.angle_gamma   120.000
#
_symmetry.space_group_name_H-M   'P 62 2 2'
#
loop_
_entity.id
_entity.type
_entity.pdbx_description
1 polymer 'Transcriptional regulator ERG'
2 polymer "DNA (5'-D(P*CP*AP*GP*AP*GP*GP*AP*TP*GP*TP*GP*GP*CP*TP*TP*C)-3')"
3 polymer "DNA (5'-D(P*GP*AP*AP*GP*CP*CP*AP*CP*AP*TP*CP*CP*TP*CP*TP*G)-3')"
4 polymer 'Runt-related transcription factor 2'
5 polymer 'Core-binding factor subunit beta'
6 non-polymer mithramycin
7 non-polymer 'MAGNESIUM ION'
8 water water
#
loop_
_entity_poly.entity_id
_entity_poly.type
_entity_poly.pdbx_seq_one_letter_code
_entity_poly.pdbx_strand_id
1 'polypeptide(L)'
;GPHMPGSGQIQLWQFLLELLSDSSNSSCITWEGTNGEFKMTDPDEVARRWGERKSKPNMNYDKLSRALRYYYDKNIMTKV
HGKRYAYKFDFHGIAQALQPHPPESSLYKYPSDLPYMGSYHAHPQKMN
;
A
2 'polydeoxyribonucleotide' (DC)(DA)(DG)(DA)(DG)(DG)(DA)(DT)(DG)(DT)(DG)(DG)(DC)(DT)(DT)(DC) B
3 'polydeoxyribonucleotide' (DG)(DA)(DA)(DG)(DC)(DC)(DA)(DC)(DA)(DT)(DC)(DC)(DT)(DC)(DT)(DG) C
4 'polypeptide(L)'
;AELVRTDSPNFLCSVLPSHWRCNKTLPVAFKVVALGEVPDGTVVTVMAGNDENYSAELRNASAVMKNQVARFNDLRFVGR
SGRGKSFTLTITVFTNPPQVATYHRAIKVTVDGPREPRRHRQKLDDSKPSLFSDRLSDLGRIPHPSMRVGVPPQNPRPSL
NSAPSPFNPQGQSQITD
;
D
5 'polypeptide(L)'
;MGSSHHHHHHSQDPMPRVVPDQRSKFENEEFFRKLSRECEIKYTGFRDRPHEERQARFQNACRDGRSEIAFVATGTNLSL
QFFPASWQGEQRQTPSREYVDLEREAGKVYLKAPMILNGVCVIWKGWIDLQRLDGMGCLEFDEERAQQEDALAQQA
;
G
#
# COMPACT_ATOMS: atom_id res chain seq x y z
N MET A 4 19.77 -10.92 15.09
CA MET A 4 18.30 -10.61 14.98
C MET A 4 17.65 -10.84 16.34
N PRO A 5 16.54 -10.14 16.68
CA PRO A 5 16.01 -10.15 18.05
C PRO A 5 15.42 -11.50 18.51
N GLY A 6 15.76 -12.60 17.82
CA GLY A 6 15.58 -13.98 18.31
C GLY A 6 16.61 -14.37 19.35
N SER A 7 17.81 -13.77 19.27
CA SER A 7 18.92 -13.96 20.23
C SER A 7 18.55 -13.44 21.62
N GLY A 8 18.16 -12.15 21.72
CA GLY A 8 17.98 -11.40 22.98
C GLY A 8 16.68 -11.73 23.70
N GLN A 9 15.54 -11.67 23.00
CA GLN A 9 14.18 -11.94 23.54
C GLN A 9 13.68 -13.30 23.02
N ILE A 10 13.04 -14.09 23.89
CA ILE A 10 12.66 -15.52 23.65
C ILE A 10 11.49 -15.56 22.66
N GLN A 11 11.60 -16.39 21.62
CA GLN A 11 10.55 -16.65 20.60
C GLN A 11 9.78 -17.92 21.00
N LEU A 12 8.93 -18.46 20.12
CA LEU A 12 8.32 -19.81 20.27
C LEU A 12 9.26 -20.86 19.66
N TRP A 13 9.32 -20.93 18.32
CA TRP A 13 10.15 -21.90 17.55
C TRP A 13 11.55 -22.00 18.18
N GLN A 14 12.12 -20.87 18.63
CA GLN A 14 13.40 -20.82 19.37
C GLN A 14 13.24 -21.64 20.65
N PHE A 15 12.24 -21.30 21.47
CA PHE A 15 11.94 -21.95 22.78
C PHE A 15 11.53 -23.41 22.57
N LEU A 16 10.63 -23.67 21.62
CA LEU A 16 10.04 -25.00 21.34
C LEU A 16 11.15 -26.04 21.16
N LEU A 17 12.21 -25.68 20.43
CA LEU A 17 13.27 -26.62 19.99
C LEU A 17 14.31 -26.82 21.09
N GLU A 18 14.24 -26.01 22.16
CA GLU A 18 14.95 -26.26 23.45
C GLU A 18 14.58 -27.65 23.97
N LEU A 19 13.46 -28.20 23.50
CA LEU A 19 12.73 -29.35 24.09
C LEU A 19 12.80 -30.55 23.13
N LEU A 20 12.78 -30.32 21.81
CA LEU A 20 12.98 -31.37 20.79
C LEU A 20 14.38 -31.99 20.97
N SER A 21 15.43 -31.17 20.90
CA SER A 21 16.85 -31.58 20.96
C SER A 21 17.19 -32.16 22.34
N ASP A 22 16.54 -31.65 23.39
CA ASP A 22 16.70 -32.13 24.79
C ASP A 22 15.91 -33.42 24.98
N SER A 23 16.61 -34.53 25.28
CA SER A 23 16.04 -35.90 25.41
C SER A 23 15.17 -36.00 26.68
N SER A 24 15.42 -35.16 27.69
CA SER A 24 14.73 -35.17 29.02
C SER A 24 13.28 -34.69 28.88
N ASN A 25 12.99 -33.83 27.89
CA ASN A 25 11.66 -33.20 27.68
C ASN A 25 10.89 -33.95 26.59
N SER A 26 11.30 -35.18 26.27
CA SER A 26 10.59 -36.10 25.34
C SER A 26 9.25 -36.53 25.96
N SER A 27 9.03 -36.17 27.23
CA SER A 27 7.78 -36.40 28.00
C SER A 27 6.62 -35.58 27.44
N CYS A 28 6.91 -34.48 26.74
CA CYS A 28 5.91 -33.47 26.25
C CYS A 28 5.97 -33.28 24.73
N ILE A 29 6.93 -33.89 24.04
CA ILE A 29 7.16 -33.71 22.57
C ILE A 29 8.23 -34.70 22.10
N THR A 30 8.36 -34.88 20.77
CA THR A 30 9.49 -35.60 20.11
C THR A 30 9.48 -35.26 18.62
N TRP A 31 10.66 -35.31 17.98
CA TRP A 31 10.81 -35.34 16.49
C TRP A 31 9.98 -36.50 15.94
N GLU A 32 9.56 -36.42 14.68
CA GLU A 32 8.86 -37.54 13.98
C GLU A 32 9.55 -37.76 12.63
N GLY A 33 10.52 -38.68 12.59
CA GLY A 33 11.15 -39.18 11.36
C GLY A 33 12.29 -38.30 10.89
N THR A 34 13.00 -38.77 9.86
CA THR A 34 14.17 -38.11 9.21
C THR A 34 13.81 -36.68 8.82
N ASN A 35 12.64 -36.48 8.20
CA ASN A 35 12.20 -35.16 7.68
C ASN A 35 11.72 -34.29 8.85
N GLY A 36 11.80 -32.97 8.69
CA GLY A 36 11.37 -31.98 9.69
C GLY A 36 9.92 -32.18 10.10
N GLU A 37 9.68 -32.79 11.27
CA GLU A 37 8.34 -33.04 11.85
C GLU A 37 8.46 -33.21 13.37
N PHE A 38 7.40 -32.95 14.12
CA PHE A 38 7.36 -33.07 15.61
C PHE A 38 5.95 -33.40 16.11
N LYS A 39 5.89 -34.19 17.19
CA LYS A 39 4.67 -34.62 17.91
C LYS A 39 4.36 -33.58 19.00
N MET A 40 3.20 -33.68 19.66
CA MET A 40 2.82 -32.82 20.80
C MET A 40 2.23 -33.69 21.92
N THR A 41 3.07 -34.26 22.78
CA THR A 41 2.69 -35.28 23.80
C THR A 41 1.58 -34.74 24.70
N ASP A 42 1.89 -33.78 25.58
CA ASP A 42 0.93 -33.20 26.56
C ASP A 42 0.60 -31.79 26.11
N PRO A 43 -0.49 -31.59 25.33
CA PRO A 43 -0.72 -30.33 24.63
C PRO A 43 -0.91 -29.13 25.58
N ASP A 44 -1.46 -29.36 26.78
CA ASP A 44 -1.78 -28.32 27.79
C ASP A 44 -0.56 -28.07 28.68
N GLU A 45 0.30 -29.08 28.88
CA GLU A 45 1.58 -28.97 29.62
C GLU A 45 2.58 -28.17 28.77
N VAL A 46 2.67 -28.48 27.47
CA VAL A 46 3.47 -27.74 26.46
C VAL A 46 3.24 -26.24 26.70
N ALA A 47 1.98 -25.80 26.54
CA ALA A 47 1.51 -24.42 26.79
C ALA A 47 1.95 -23.98 28.20
N ARG A 48 1.64 -24.79 29.21
CA ARG A 48 1.83 -24.46 30.66
C ARG A 48 3.26 -23.94 30.90
N ARG A 49 4.25 -24.54 30.26
CA ARG A 49 5.68 -24.13 30.36
C ARG A 49 5.92 -22.85 29.56
N TRP A 50 5.32 -22.75 28.38
CA TRP A 50 5.36 -21.53 27.53
C TRP A 50 4.81 -20.35 28.34
N GLY A 51 3.76 -20.60 29.13
CA GLY A 51 3.21 -19.63 30.11
C GLY A 51 4.19 -19.35 31.23
N GLU A 52 4.83 -20.40 31.76
CA GLU A 52 5.88 -20.30 32.82
C GLU A 52 6.96 -19.29 32.37
N ARG A 53 7.44 -19.41 31.13
CA ARG A 53 8.51 -18.56 30.55
C ARG A 53 7.96 -17.16 30.25
N LYS A 54 6.86 -17.08 29.52
CA LYS A 54 6.23 -15.81 29.06
C LYS A 54 5.61 -15.06 30.25
N SER A 55 5.66 -15.63 31.46
CA SER A 55 5.06 -15.07 32.70
C SER A 55 3.54 -14.96 32.52
N LYS A 56 2.96 -15.87 31.73
CA LYS A 56 1.54 -15.86 31.29
C LYS A 56 0.85 -17.11 31.83
N PRO A 57 0.38 -17.10 33.10
CA PRO A 57 -0.17 -18.31 33.72
C PRO A 57 -1.48 -18.78 33.06
N ASN A 58 -2.26 -17.83 32.51
CA ASN A 58 -3.57 -18.08 31.84
C ASN A 58 -3.38 -19.03 30.65
N MET A 59 -2.21 -18.98 30.00
CA MET A 59 -1.85 -19.70 28.75
C MET A 59 -2.43 -21.12 28.73
N ASN A 60 -2.96 -21.53 27.57
CA ASN A 60 -3.39 -22.93 27.23
C ASN A 60 -2.94 -23.23 25.79
N TYR A 61 -3.38 -24.35 25.21
CA TYR A 61 -3.01 -24.76 23.82
C TYR A 61 -3.60 -23.76 22.81
N ASP A 62 -4.92 -23.57 22.84
CA ASP A 62 -5.69 -22.68 21.93
C ASP A 62 -4.93 -21.37 21.70
N LYS A 63 -4.31 -20.82 22.76
CA LYS A 63 -3.57 -19.54 22.76
C LYS A 63 -2.23 -19.71 22.04
N LEU A 64 -1.35 -20.54 22.59
CA LEU A 64 -0.06 -20.95 21.98
C LEU A 64 -0.30 -21.27 20.50
N SER A 65 -1.23 -22.20 20.23
CA SER A 65 -1.54 -22.75 18.88
C SER A 65 -1.66 -21.62 17.85
N ARG A 66 -2.59 -20.68 18.08
CA ARG A 66 -2.86 -19.55 17.15
C ARG A 66 -1.53 -18.97 16.66
N ALA A 67 -0.67 -18.55 17.59
CA ALA A 67 0.66 -17.96 17.32
C ALA A 67 1.38 -18.79 16.24
N LEU A 68 1.27 -20.12 16.32
CA LEU A 68 1.92 -21.07 15.38
C LEU A 68 1.22 -21.00 14.02
N ARG A 69 -0.09 -20.73 14.02
CA ARG A 69 -0.93 -20.70 12.79
C ARG A 69 -0.70 -19.39 12.03
N TYR A 70 -0.02 -18.42 12.65
CA TYR A 70 0.53 -17.21 11.97
C TYR A 70 1.71 -17.64 11.08
N TYR A 71 2.62 -18.45 11.63
CA TYR A 71 3.91 -18.87 11.02
C TYR A 71 3.71 -19.25 9.55
N TYR A 72 2.56 -19.88 9.25
CA TYR A 72 2.17 -20.42 7.91
C TYR A 72 2.47 -19.40 6.81
N ASP A 73 1.84 -18.22 6.92
CA ASP A 73 1.87 -17.13 5.90
C ASP A 73 3.30 -16.60 5.76
N LYS A 74 4.12 -16.76 6.81
CA LYS A 74 5.50 -16.20 6.92
C LYS A 74 6.54 -17.20 6.40
N ASN A 75 6.18 -18.48 6.27
CA ASN A 75 7.09 -19.57 5.81
C ASN A 75 8.16 -19.82 6.89
N ILE A 76 7.71 -20.07 8.12
CA ILE A 76 8.57 -20.49 9.28
C ILE A 76 8.38 -21.99 9.48
N MET A 77 7.12 -22.44 9.53
CA MET A 77 6.75 -23.87 9.62
C MET A 77 5.38 -24.09 8.93
N THR A 78 4.91 -25.35 8.90
CA THR A 78 3.66 -25.78 8.23
C THR A 78 3.02 -26.93 9.01
N LYS A 79 1.79 -27.31 8.64
CA LYS A 79 0.98 -28.36 9.32
C LYS A 79 1.17 -29.70 8.60
N VAL A 80 1.12 -30.79 9.36
CA VAL A 80 0.94 -32.18 8.85
C VAL A 80 -0.55 -32.50 8.91
N HIS A 81 -1.24 -32.39 7.77
CA HIS A 81 -2.73 -32.32 7.66
C HIS A 81 -3.36 -33.59 8.25
N GLY A 82 -4.29 -33.42 9.20
CA GLY A 82 -5.08 -34.50 9.82
C GLY A 82 -4.51 -34.95 11.16
N LYS A 83 -3.18 -34.91 11.31
CA LYS A 83 -2.44 -35.47 12.47
C LYS A 83 -2.66 -34.59 13.72
N ARG A 84 -3.25 -35.16 14.77
CA ARG A 84 -3.60 -34.47 16.05
C ARG A 84 -2.34 -33.85 16.65
N TYR A 85 -2.09 -32.57 16.37
CA TYR A 85 -1.03 -31.73 17.01
C TYR A 85 0.35 -32.09 16.42
N ALA A 86 0.49 -32.00 15.09
CA ALA A 86 1.74 -32.29 14.35
C ALA A 86 1.93 -31.27 13.22
N TYR A 87 2.93 -30.40 13.38
CA TYR A 87 3.40 -29.38 12.40
C TYR A 87 4.85 -29.73 12.02
N LYS A 88 5.52 -28.91 11.19
CA LYS A 88 6.94 -29.14 10.78
C LYS A 88 7.57 -27.83 10.29
N PHE A 89 8.87 -27.68 10.50
CA PHE A 89 9.64 -26.42 10.29
C PHE A 89 10.00 -26.26 8.80
N ASP A 90 10.06 -25.01 8.35
CA ASP A 90 10.54 -24.60 7.00
C ASP A 90 11.89 -23.89 7.19
N PHE A 91 12.95 -24.67 7.40
CA PHE A 91 14.33 -24.21 7.66
C PHE A 91 14.88 -23.51 6.41
N HIS A 92 14.67 -24.13 5.24
CA HIS A 92 14.97 -23.57 3.89
C HIS A 92 14.52 -22.11 3.83
N GLY A 93 13.51 -21.73 4.63
CA GLY A 93 12.97 -20.36 4.76
C GLY A 93 13.57 -19.58 5.92
N ILE A 94 13.73 -20.21 7.09
CA ILE A 94 14.25 -19.58 8.35
C ILE A 94 15.50 -18.76 8.05
N ALA A 95 16.33 -19.22 7.11
CA ALA A 95 17.63 -18.61 6.73
C ALA A 95 17.40 -17.39 5.84
N GLN A 96 16.45 -17.47 4.91
CA GLN A 96 16.00 -16.30 4.09
C GLN A 96 15.26 -15.32 5.01
N ALA A 97 14.73 -15.82 6.13
CA ALA A 97 14.04 -15.04 7.19
C ALA A 97 15.06 -14.57 8.25
N LEU A 98 16.29 -15.08 8.22
CA LEU A 98 17.39 -14.68 9.13
C LEU A 98 18.56 -14.07 8.34
N GLN A 99 18.57 -14.24 7.01
CA GLN A 99 19.55 -13.64 6.06
C GLN A 99 18.81 -13.23 4.80
N PRO A 100 19.34 -12.29 3.99
CA PRO A 100 18.77 -12.00 2.67
C PRO A 100 19.20 -13.07 1.65
N HIS A 101 19.09 -12.77 0.34
CA HIS A 101 19.62 -13.62 -0.76
C HIS A 101 20.50 -12.76 -1.69
N ALA D 1 -22.39 12.18 8.24
CA ALA D 1 -20.91 12.23 8.50
C ALA D 1 -20.40 13.67 8.39
N GLU D 2 -19.09 13.89 8.59
CA GLU D 2 -18.41 15.21 8.60
C GLU D 2 -17.39 15.27 7.45
N LEU D 3 -17.32 16.40 6.74
CA LEU D 3 -16.45 16.59 5.55
C LEU D 3 -15.24 17.46 5.90
N VAL D 4 -14.27 17.54 4.98
CA VAL D 4 -13.02 18.37 5.08
C VAL D 4 -12.63 18.84 3.68
N ARG D 5 -11.86 19.94 3.61
CA ARG D 5 -11.32 20.54 2.36
C ARG D 5 -10.45 19.53 1.60
N THR D 6 -10.19 19.82 0.32
CA THR D 6 -9.18 19.14 -0.53
C THR D 6 -8.30 20.20 -1.20
N ASP D 7 -7.33 19.78 -2.01
CA ASP D 7 -6.47 20.67 -2.84
C ASP D 7 -7.24 21.04 -4.11
N SER D 8 -8.25 20.23 -4.49
CA SER D 8 -9.27 20.53 -5.51
C SER D 8 -10.56 20.96 -4.82
N PRO D 9 -11.02 22.24 -4.96
CA PRO D 9 -12.23 22.68 -4.29
C PRO D 9 -13.51 22.20 -4.99
N ASN D 10 -13.38 21.27 -5.94
CA ASN D 10 -14.48 20.62 -6.69
C ASN D 10 -14.89 19.32 -6.00
N PHE D 11 -14.04 18.76 -5.13
CA PHE D 11 -14.24 17.45 -4.45
C PHE D 11 -13.86 17.55 -2.97
N LEU D 12 -14.59 16.84 -2.10
CA LEU D 12 -14.34 16.76 -0.63
C LEU D 12 -14.50 15.31 -0.16
N CYS D 13 -13.90 14.98 0.99
CA CYS D 13 -13.83 13.59 1.52
C CYS D 13 -14.01 13.58 3.04
N SER D 14 -14.00 12.37 3.64
CA SER D 14 -14.16 12.11 5.09
C SER D 14 -13.02 12.74 5.88
N VAL D 15 -13.21 12.90 7.19
CA VAL D 15 -12.17 13.30 8.18
C VAL D 15 -11.46 12.03 8.65
N LEU D 16 -10.51 11.53 7.84
CA LEU D 16 -9.64 10.37 8.18
C LEU D 16 -8.81 10.74 9.41
N PRO D 17 -8.87 9.95 10.51
CA PRO D 17 -8.30 10.40 11.78
C PRO D 17 -6.78 10.61 11.74
N SER D 18 -6.25 11.33 12.73
CA SER D 18 -4.83 11.72 12.88
C SER D 18 -3.92 10.51 12.64
N HIS D 19 -3.96 9.53 13.54
CA HIS D 19 -3.01 8.38 13.62
C HIS D 19 -3.80 7.09 13.88
N TRP D 20 -3.58 6.06 13.06
CA TRP D 20 -4.37 4.80 13.02
C TRP D 20 -3.44 3.60 12.79
N ARG D 21 -3.91 2.39 13.12
CA ARG D 21 -3.15 1.11 13.09
C ARG D 21 -2.99 0.62 11.64
N CYS D 22 -1.88 -0.06 11.36
CA CYS D 22 -1.58 -0.72 10.06
C CYS D 22 -2.69 -1.73 9.74
N ASN D 23 -3.46 -1.49 8.67
CA ASN D 23 -4.58 -2.33 8.20
C ASN D 23 -5.57 -2.53 9.35
N LYS D 24 -6.49 -1.60 9.54
CA LYS D 24 -7.61 -1.71 10.50
C LYS D 24 -8.89 -1.23 9.82
N THR D 25 -10.02 -1.88 10.13
CA THR D 25 -11.38 -1.36 9.80
C THR D 25 -11.39 0.11 10.27
N LEU D 26 -11.55 1.05 9.35
CA LEU D 26 -11.53 2.51 9.62
C LEU D 26 -12.68 2.86 10.57
N PRO D 27 -12.51 3.85 11.49
CA PRO D 27 -13.56 4.18 12.45
C PRO D 27 -14.78 4.82 11.77
N VAL D 28 -14.55 5.51 10.64
CA VAL D 28 -15.61 6.08 9.76
C VAL D 28 -15.22 5.81 8.31
N ALA D 29 -15.96 4.90 7.64
CA ALA D 29 -15.74 4.49 6.23
C ALA D 29 -15.58 5.74 5.36
N PHE D 30 -14.86 5.62 4.24
CA PHE D 30 -14.39 6.75 3.42
C PHE D 30 -15.50 7.23 2.47
N LYS D 31 -15.90 8.50 2.62
CA LYS D 31 -16.88 9.22 1.76
C LYS D 31 -16.13 10.25 0.91
N VAL D 32 -16.24 10.16 -0.42
CA VAL D 32 -15.69 11.14 -1.40
C VAL D 32 -16.87 11.78 -2.13
N VAL D 33 -16.93 13.12 -2.13
CA VAL D 33 -18.09 13.94 -2.60
C VAL D 33 -17.72 14.62 -3.93
N ALA D 34 -18.69 14.68 -4.86
CA ALA D 34 -18.57 15.33 -6.18
C ALA D 34 -19.54 16.53 -6.24
N LEU D 35 -19.00 17.75 -6.19
CA LEU D 35 -19.79 19.02 -6.22
C LEU D 35 -20.16 19.35 -7.67
N GLY D 36 -19.18 19.26 -8.59
CA GLY D 36 -19.43 19.20 -10.04
C GLY D 36 -20.11 17.89 -10.40
N GLU D 37 -21.12 17.93 -11.27
CA GLU D 37 -21.98 16.76 -11.62
C GLU D 37 -21.14 15.70 -12.33
N VAL D 38 -20.93 14.55 -11.67
CA VAL D 38 -20.18 13.37 -12.20
C VAL D 38 -21.19 12.28 -12.53
N PRO D 39 -21.05 11.56 -13.68
CA PRO D 39 -21.94 10.46 -14.01
C PRO D 39 -21.86 9.35 -12.95
N ASP D 40 -22.99 9.07 -12.29
CA ASP D 40 -23.11 8.10 -11.16
C ASP D 40 -22.79 6.69 -11.67
N GLY D 41 -21.53 6.28 -11.54
CA GLY D 41 -21.00 5.02 -12.12
C GLY D 41 -19.48 5.07 -12.29
N THR D 42 -18.92 6.26 -12.53
CA THR D 42 -17.46 6.53 -12.63
C THR D 42 -16.74 5.92 -11.42
N VAL D 43 -15.56 5.34 -11.67
CA VAL D 43 -14.70 4.69 -10.63
C VAL D 43 -13.87 5.79 -9.94
N VAL D 44 -13.48 5.56 -8.69
CA VAL D 44 -12.59 6.46 -7.90
C VAL D 44 -11.62 5.60 -7.08
N THR D 45 -10.33 5.59 -7.46
CA THR D 45 -9.22 4.89 -6.74
C THR D 45 -8.41 5.93 -5.96
N VAL D 46 -7.65 5.47 -4.96
CA VAL D 46 -6.73 6.32 -4.13
C VAL D 46 -5.34 5.68 -4.15
N MET D 47 -4.28 6.49 -4.05
CA MET D 47 -2.86 6.04 -3.95
C MET D 47 -2.15 6.83 -2.84
N ALA D 48 -1.68 6.12 -1.81
CA ALA D 48 -0.97 6.68 -0.64
C ALA D 48 0.40 7.19 -1.09
N GLY D 49 0.62 8.51 -1.01
CA GLY D 49 1.85 9.18 -1.42
C GLY D 49 2.64 9.70 -0.22
N ASN D 50 3.92 9.34 -0.12
CA ASN D 50 4.84 9.77 0.98
C ASN D 50 6.28 9.58 0.52
N ASP D 51 7.19 10.50 0.89
CA ASP D 51 8.64 10.43 0.59
C ASP D 51 9.15 9.02 0.90
N GLU D 52 8.70 8.44 2.02
CA GLU D 52 8.99 7.04 2.44
C GLU D 52 7.94 6.10 1.82
N ASN D 53 8.36 4.93 1.33
CA ASN D 53 7.57 3.95 0.53
C ASN D 53 6.49 4.73 -0.24
N TYR D 54 6.91 5.36 -1.34
CA TYR D 54 6.14 6.33 -2.18
C TYR D 54 4.71 5.84 -2.45
N SER D 55 4.50 4.53 -2.68
CA SER D 55 3.16 3.92 -2.87
C SER D 55 2.98 2.74 -1.89
N ALA D 56 2.32 2.99 -0.77
CA ALA D 56 1.96 1.98 0.27
C ALA D 56 0.86 1.07 -0.26
N GLU D 57 0.79 -0.15 0.26
CA GLU D 57 -0.27 -1.14 -0.08
C GLU D 57 -1.58 -0.70 0.57
N LEU D 58 -2.68 -0.76 -0.19
CA LEU D 58 -4.05 -0.40 0.26
C LEU D 58 -5.02 -1.49 -0.15
N ARG D 59 -6.14 -1.64 0.58
CA ARG D 59 -7.17 -2.68 0.36
C ARG D 59 -8.54 -2.01 0.26
N ASN D 60 -9.40 -2.48 -0.65
CA ASN D 60 -10.66 -1.83 -1.06
C ASN D 60 -10.33 -0.38 -1.44
N ALA D 61 -9.31 -0.21 -2.30
CA ALA D 61 -8.74 1.09 -2.72
C ALA D 61 -9.62 1.73 -3.81
N SER D 62 -10.29 0.92 -4.62
CA SER D 62 -11.21 1.35 -5.71
C SER D 62 -12.66 1.38 -5.20
N ALA D 63 -13.45 2.35 -5.67
CA ALA D 63 -14.88 2.54 -5.33
C ALA D 63 -15.64 3.06 -6.54
N VAL D 64 -16.98 3.01 -6.48
CA VAL D 64 -17.91 3.43 -7.57
C VAL D 64 -18.66 4.68 -7.11
N MET D 65 -18.63 5.75 -7.92
CA MET D 65 -19.42 6.99 -7.73
C MET D 65 -20.91 6.64 -7.87
N LYS D 66 -21.75 7.14 -6.95
CA LYS D 66 -23.21 6.89 -6.95
C LYS D 66 -23.93 8.02 -6.20
N ASN D 67 -24.88 8.69 -6.87
CA ASN D 67 -25.62 9.89 -6.38
C ASN D 67 -24.62 11.00 -6.03
N GLN D 68 -23.57 11.18 -6.85
CA GLN D 68 -22.58 12.28 -6.73
C GLN D 68 -21.73 12.10 -5.46
N VAL D 69 -21.65 10.88 -4.92
CA VAL D 69 -20.91 10.54 -3.66
C VAL D 69 -20.34 9.12 -3.80
N ALA D 70 -19.01 8.99 -3.84
CA ALA D 70 -18.28 7.70 -3.87
C ALA D 70 -17.95 7.26 -2.44
N ARG D 71 -18.44 6.09 -2.02
CA ARG D 71 -18.20 5.52 -0.67
C ARG D 71 -17.38 4.23 -0.79
N PHE D 72 -16.29 4.13 -0.03
CA PHE D 72 -15.33 3.00 -0.06
C PHE D 72 -15.69 2.02 1.05
N ASN D 73 -16.38 0.93 0.67
CA ASN D 73 -16.98 -0.08 1.58
C ASN D 73 -16.20 -0.09 2.89
N ASP D 74 -14.89 -0.34 2.81
CA ASP D 74 -13.93 -0.29 3.95
C ASP D 74 -12.51 -0.23 3.39
N LEU D 75 -12.02 0.98 3.12
CA LEU D 75 -10.58 1.23 2.78
C LEU D 75 -9.74 0.81 3.99
N ARG D 76 -8.53 0.29 3.75
CA ARG D 76 -7.56 -0.08 4.81
C ARG D 76 -6.15 0.29 4.34
N PHE D 77 -5.34 0.83 5.25
CA PHE D 77 -3.94 1.29 5.00
C PHE D 77 -2.97 0.23 5.56
N VAL D 78 -2.27 -0.47 4.68
CA VAL D 78 -1.31 -1.56 5.04
C VAL D 78 0.09 -0.96 5.15
N GLY D 79 0.64 -0.46 4.03
CA GLY D 79 1.99 0.15 3.98
C GLY D 79 2.09 1.34 4.92
N ARG D 80 3.06 1.31 5.85
CA ARG D 80 3.22 2.32 6.93
C ARG D 80 3.83 3.60 6.35
N SER D 81 3.54 4.76 6.96
CA SER D 81 4.03 6.10 6.56
C SER D 81 5.36 6.41 7.26
N GLY D 82 5.52 5.93 8.49
CA GLY D 82 6.76 6.06 9.30
C GLY D 82 6.56 6.99 10.48
N ARG D 83 7.65 7.30 11.19
CA ARG D 83 7.68 8.10 12.43
C ARG D 83 7.42 9.57 12.09
N GLY D 84 6.32 10.14 12.58
CA GLY D 84 5.93 11.55 12.38
C GLY D 84 5.31 11.78 11.01
N LYS D 85 5.75 11.03 10.00
CA LYS D 85 5.37 11.20 8.57
C LYS D 85 3.95 10.68 8.34
N SER D 86 3.23 11.31 7.40
CA SER D 86 1.84 10.99 7.01
C SER D 86 1.73 11.00 5.48
N PHE D 87 0.68 10.37 4.94
CA PHE D 87 0.47 10.21 3.48
C PHE D 87 -0.17 11.49 2.91
N THR D 88 0.35 11.94 1.77
CA THR D 88 -0.31 12.90 0.85
C THR D 88 -1.03 12.06 -0.22
N LEU D 89 -2.09 11.34 0.19
CA LEU D 89 -2.77 10.34 -0.66
C LEU D 89 -3.44 11.03 -1.85
N THR D 90 -3.31 10.43 -3.03
CA THR D 90 -3.84 10.91 -4.34
C THR D 90 -5.22 10.31 -4.57
N ILE D 91 -6.14 11.07 -5.15
CA ILE D 91 -7.56 10.68 -5.37
C ILE D 91 -7.90 10.85 -6.86
N THR D 92 -7.97 9.73 -7.59
CA THR D 92 -8.29 9.68 -9.04
C THR D 92 -9.80 9.63 -9.24
N VAL D 93 -10.29 10.11 -10.40
CA VAL D 93 -11.71 10.01 -10.84
C VAL D 93 -11.73 9.66 -12.33
N PHE D 94 -11.82 8.37 -12.65
CA PHE D 94 -11.71 7.79 -14.03
C PHE D 94 -12.80 8.40 -14.93
N THR D 95 -12.42 9.44 -15.70
CA THR D 95 -13.28 10.13 -16.71
C THR D 95 -12.42 10.47 -17.94
N ASN D 96 -12.95 11.28 -18.87
CA ASN D 96 -12.24 11.72 -20.10
C ASN D 96 -12.21 13.25 -20.16
N PRO D 97 -11.14 13.94 -19.68
CA PRO D 97 -10.02 13.30 -19.00
C PRO D 97 -10.26 13.14 -17.49
N PRO D 98 -9.49 12.28 -16.79
CA PRO D 98 -9.58 12.17 -15.33
C PRO D 98 -9.22 13.47 -14.59
N GLN D 99 -9.58 13.55 -13.31
CA GLN D 99 -9.27 14.69 -12.39
C GLN D 99 -8.83 14.14 -11.04
N VAL D 100 -7.86 14.79 -10.40
CA VAL D 100 -7.29 14.37 -9.08
C VAL D 100 -7.37 15.55 -8.10
N ALA D 101 -7.54 15.23 -6.81
CA ALA D 101 -7.41 16.14 -5.66
C ALA D 101 -6.41 15.52 -4.67
N THR D 102 -5.22 16.08 -4.55
CA THR D 102 -4.19 15.67 -3.55
C THR D 102 -4.70 16.01 -2.15
N TYR D 103 -4.15 15.38 -1.12
CA TYR D 103 -4.59 15.53 0.29
C TYR D 103 -3.40 15.31 1.23
N HIS D 104 -2.64 16.37 1.50
CA HIS D 104 -1.47 16.40 2.42
C HIS D 104 -1.92 16.09 3.85
N ARG D 105 -0.98 15.60 4.68
CA ARG D 105 -1.14 15.33 6.14
C ARG D 105 -2.46 14.58 6.39
N ALA D 106 -2.77 13.58 5.55
CA ALA D 106 -4.02 12.78 5.59
C ALA D 106 -4.08 11.98 6.89
N ILE D 107 -3.20 10.99 7.05
CA ILE D 107 -3.22 10.02 8.20
C ILE D 107 -1.82 9.44 8.42
N LYS D 108 -1.48 9.22 9.70
CA LYS D 108 -0.20 8.59 10.14
C LYS D 108 -0.45 7.09 10.34
N VAL D 109 0.23 6.25 9.55
CA VAL D 109 0.06 4.77 9.52
C VAL D 109 1.26 4.12 10.21
N THR D 110 1.04 3.60 11.42
CA THR D 110 2.02 2.79 12.20
C THR D 110 1.41 1.42 12.50
N VAL D 111 2.19 0.52 13.11
CA VAL D 111 1.75 -0.84 13.50
C VAL D 111 0.83 -0.74 14.74
N ASP D 112 0.93 0.35 15.51
CA ASP D 112 0.05 0.63 16.67
C ASP D 112 -0.92 1.77 16.33
N GLY D 113 -2.21 1.57 16.60
CA GLY D 113 -3.17 2.67 16.82
C GLY D 113 -2.88 3.32 18.17
N PRO D 114 -2.80 4.67 18.24
CA PRO D 114 -2.19 5.33 19.40
C PRO D 114 -2.79 4.86 20.74
N ARG D 115 -1.99 4.15 21.54
CA ARG D 115 -2.37 3.68 22.91
C ARG D 115 -2.10 4.79 23.92
N GLU D 116 -2.44 4.54 25.19
CA GLU D 116 -2.05 5.38 26.37
C GLU D 116 -0.67 4.92 26.85
N PRO D 117 0.41 5.70 26.58
CA PRO D 117 1.78 5.22 26.80
C PRO D 117 2.20 5.26 28.27
N PRO E 16 -17.95 24.01 -10.79
CA PRO E 16 -16.82 24.31 -11.70
C PRO E 16 -15.81 23.16 -11.78
N ARG E 17 -15.11 23.01 -12.91
CA ARG E 17 -14.08 21.96 -13.14
C ARG E 17 -12.68 22.50 -12.82
N VAL E 18 -12.41 23.79 -13.08
CA VAL E 18 -11.09 24.45 -12.89
C VAL E 18 -11.26 25.71 -12.04
N VAL E 19 -10.15 26.21 -11.48
CA VAL E 19 -10.08 27.49 -10.70
C VAL E 19 -10.06 28.65 -11.69
N PRO E 20 -10.55 29.85 -11.30
CA PRO E 20 -10.57 31.01 -12.20
C PRO E 20 -9.16 31.42 -12.65
N ASP E 21 -8.23 31.58 -11.71
CA ASP E 21 -6.82 32.01 -11.94
C ASP E 21 -5.97 30.74 -12.15
N GLN E 22 -6.21 30.05 -13.27
CA GLN E 22 -5.66 28.70 -13.59
C GLN E 22 -4.13 28.78 -13.73
N ARG E 23 -3.62 29.82 -14.41
CA ARG E 23 -2.18 30.05 -14.65
C ARG E 23 -1.49 30.44 -13.34
N SER E 24 -2.13 31.31 -12.55
CA SER E 24 -1.60 31.85 -11.27
C SER E 24 -1.25 30.71 -10.31
N LYS E 25 -2.19 29.77 -10.10
CA LYS E 25 -2.06 28.65 -9.13
C LYS E 25 -0.82 27.81 -9.46
N PHE E 26 -0.60 27.47 -10.74
CA PHE E 26 0.53 26.63 -11.22
C PHE E 26 1.87 27.32 -10.93
N GLU E 27 1.89 28.66 -10.97
CA GLU E 27 3.12 29.49 -10.84
C GLU E 27 3.15 30.21 -9.48
N ASN E 28 2.26 29.81 -8.55
CA ASN E 28 2.21 30.32 -7.15
C ASN E 28 2.34 29.15 -6.17
N GLU E 29 1.42 28.17 -6.26
CA GLU E 29 1.30 27.02 -5.32
C GLU E 29 2.65 26.29 -5.24
N GLU E 30 3.13 26.04 -4.01
CA GLU E 30 4.37 25.28 -3.72
C GLU E 30 4.28 23.88 -4.35
N PHE E 31 3.08 23.28 -4.32
CA PHE E 31 2.79 21.90 -4.81
C PHE E 31 3.21 21.74 -6.28
N PHE E 32 2.86 22.72 -7.13
CA PHE E 32 3.03 22.64 -8.62
C PHE E 32 4.48 22.95 -9.03
N ARG E 33 5.09 23.98 -8.42
CA ARG E 33 6.48 24.43 -8.74
C ARG E 33 7.50 23.39 -8.26
N LYS E 34 7.15 22.60 -7.25
CA LYS E 34 7.98 21.46 -6.72
C LYS E 34 8.02 20.34 -7.77
N LEU E 35 6.95 20.22 -8.58
CA LEU E 35 6.80 19.17 -9.62
C LEU E 35 6.97 19.77 -11.03
N SER E 36 7.35 21.05 -11.12
CA SER E 36 7.68 21.76 -12.39
C SER E 36 9.06 21.31 -12.88
N ARG E 37 9.98 20.99 -11.96
CA ARG E 37 11.36 20.52 -12.26
C ARG E 37 11.31 19.01 -12.55
N GLU E 38 12.26 18.51 -13.33
CA GLU E 38 12.43 17.05 -13.63
C GLU E 38 12.81 16.34 -12.33
N CYS E 39 11.90 15.54 -11.77
CA CYS E 39 12.03 14.87 -10.45
C CYS E 39 12.14 13.35 -10.62
N GLU E 40 12.46 12.64 -9.54
CA GLU E 40 12.63 11.17 -9.49
C GLU E 40 11.25 10.51 -9.40
N ILE E 41 10.89 9.70 -10.42
CA ILE E 41 9.58 9.01 -10.53
C ILE E 41 9.81 7.49 -10.60
N LYS E 42 8.82 6.70 -10.19
CA LYS E 42 8.87 5.21 -10.20
C LYS E 42 7.46 4.65 -10.38
N TYR E 43 7.36 3.43 -10.92
CA TYR E 43 6.11 2.67 -11.17
C TYR E 43 5.59 2.11 -9.84
N THR E 44 4.34 2.44 -9.49
CA THR E 44 3.70 2.14 -8.17
C THR E 44 2.82 0.90 -8.26
N GLY E 45 2.48 0.44 -9.48
CA GLY E 45 1.55 -0.68 -9.72
C GLY E 45 2.14 -2.01 -9.31
N PHE E 46 1.37 -2.81 -8.58
CA PHE E 46 1.67 -4.24 -8.24
C PHE E 46 2.99 -4.32 -7.46
N ARG E 47 3.01 -3.71 -6.27
CA ARG E 47 4.21 -3.59 -5.40
C ARG E 47 4.59 -4.95 -4.80
N ASP E 48 3.63 -5.88 -4.69
CA ASP E 48 3.80 -7.19 -4.01
C ASP E 48 3.98 -8.32 -5.04
N ARG E 49 4.53 -8.01 -6.22
CA ARG E 49 4.71 -8.97 -7.35
C ARG E 49 6.19 -9.05 -7.73
N PRO E 50 6.66 -10.15 -8.36
CA PRO E 50 8.07 -10.29 -8.75
C PRO E 50 8.46 -9.33 -9.88
N HIS E 51 9.75 -8.99 -9.97
CA HIS E 51 10.33 -7.99 -10.91
C HIS E 51 9.99 -8.35 -12.36
N GLU E 52 9.90 -9.65 -12.67
CA GLU E 52 9.59 -10.17 -14.03
C GLU E 52 8.16 -9.78 -14.43
N GLU E 53 7.19 -10.01 -13.54
CA GLU E 53 5.74 -9.75 -13.78
C GLU E 53 5.51 -8.23 -13.93
N ARG E 54 6.07 -7.42 -13.02
CA ARG E 54 5.90 -5.95 -12.97
C ARG E 54 6.34 -5.33 -14.31
N GLN E 55 7.38 -5.87 -14.93
CA GLN E 55 7.96 -5.37 -16.21
C GLN E 55 6.97 -5.60 -17.36
N ALA E 56 6.26 -6.73 -17.35
CA ALA E 56 5.26 -7.13 -18.39
C ALA E 56 3.99 -6.29 -18.24
N ARG E 57 3.46 -6.19 -17.01
CA ARG E 57 2.21 -5.46 -16.67
C ARG E 57 2.34 -3.98 -17.08
N PHE E 58 3.41 -3.32 -16.63
CA PHE E 58 3.69 -1.87 -16.90
C PHE E 58 3.68 -1.60 -18.41
N GLN E 59 4.40 -2.43 -19.18
CA GLN E 59 4.58 -2.27 -20.65
C GLN E 59 3.24 -2.53 -21.36
N ASN E 60 2.51 -3.57 -20.94
CA ASN E 60 1.17 -3.95 -21.49
C ASN E 60 0.16 -2.83 -21.21
N ALA E 61 0.33 -2.08 -20.12
CA ALA E 61 -0.53 -0.96 -19.70
C ALA E 61 -0.23 0.29 -20.53
N CYS E 62 1.05 0.64 -20.67
CA CYS E 62 1.56 1.81 -21.46
C CYS E 62 0.96 1.79 -22.87
N ARG E 63 0.94 0.61 -23.50
CA ARG E 63 0.42 0.40 -24.88
C ARG E 63 -1.09 0.67 -24.91
N ASP E 64 -1.83 0.20 -23.90
CA ASP E 64 -3.29 0.45 -23.73
C ASP E 64 -3.52 1.96 -23.56
N GLY E 65 -2.59 2.66 -22.93
CA GLY E 65 -2.63 4.12 -22.71
C GLY E 65 -3.04 4.47 -21.29
N ARG E 66 -2.33 3.92 -20.29
CA ARG E 66 -2.58 4.14 -18.85
C ARG E 66 -1.47 3.49 -18.02
N SER E 67 -1.26 3.99 -16.78
CA SER E 67 -0.26 3.47 -15.81
C SER E 67 -0.47 4.12 -14.43
N GLU E 68 0.44 3.85 -13.48
CA GLU E 68 0.41 4.40 -12.08
C GLU E 68 1.83 4.78 -11.67
N ILE E 69 2.20 6.07 -11.84
CA ILE E 69 3.56 6.62 -11.56
C ILE E 69 3.47 7.61 -10.40
N ALA E 70 4.52 7.68 -9.57
CA ALA E 70 4.61 8.56 -8.38
C ALA E 70 5.99 9.24 -8.32
N PHE E 71 6.02 10.52 -7.96
CA PHE E 71 7.26 11.31 -7.72
C PHE E 71 7.83 10.91 -6.36
N VAL E 72 8.86 10.05 -6.36
CA VAL E 72 9.42 9.37 -5.15
C VAL E 72 9.84 10.42 -4.12
N ALA E 73 10.51 11.49 -4.58
CA ALA E 73 11.07 12.58 -3.74
C ALA E 73 9.99 13.15 -2.83
N THR E 74 8.87 13.60 -3.41
CA THR E 74 7.74 14.27 -2.70
C THR E 74 6.78 13.24 -2.11
N GLY E 75 6.50 12.15 -2.84
CA GLY E 75 5.55 11.10 -2.46
C GLY E 75 4.34 11.05 -3.36
N THR E 76 3.88 12.22 -3.83
CA THR E 76 2.73 12.41 -4.75
C THR E 76 2.63 11.24 -5.74
N ASN E 77 1.60 10.41 -5.59
CA ASN E 77 1.25 9.32 -6.55
C ASN E 77 0.31 9.90 -7.62
N LEU E 78 0.21 9.23 -8.78
CA LEU E 78 -0.72 9.58 -9.89
C LEU E 78 -1.12 8.32 -10.65
N SER E 79 -2.34 8.29 -11.18
CA SER E 79 -2.80 7.33 -12.22
C SER E 79 -3.03 8.10 -13.52
N LEU E 80 -2.28 7.76 -14.58
CA LEU E 80 -2.19 8.54 -15.84
C LEU E 80 -3.06 7.88 -16.93
N GLN E 81 -3.43 8.67 -17.96
CA GLN E 81 -4.09 8.20 -19.20
C GLN E 81 -3.53 9.01 -20.38
N PHE E 82 -2.94 8.30 -21.36
CA PHE E 82 -2.18 8.88 -22.51
C PHE E 82 -3.12 8.97 -23.72
N PHE E 83 -4.01 9.97 -23.71
CA PHE E 83 -5.21 10.07 -24.59
C PHE E 83 -5.81 11.48 -24.48
N PRO E 84 -6.90 11.81 -25.23
CA PRO E 84 -7.53 13.13 -25.12
C PRO E 84 -8.45 13.25 -23.89
N PRO E 95 -4.05 3.06 -27.54
CA PRO E 95 -3.01 3.43 -28.51
C PRO E 95 -2.95 4.94 -28.79
N SER E 96 -1.73 5.48 -28.90
CA SER E 96 -1.43 6.90 -29.23
C SER E 96 0.04 7.05 -29.62
N ARG E 97 0.41 8.17 -30.25
CA ARG E 97 1.73 8.40 -30.89
C ARG E 97 2.64 9.25 -29.98
N GLU E 98 2.26 10.51 -29.76
CA GLU E 98 3.07 11.54 -29.06
C GLU E 98 3.00 11.32 -27.54
N TYR E 99 1.92 10.70 -27.05
CA TYR E 99 1.64 10.49 -25.60
C TYR E 99 2.53 9.37 -25.06
N VAL E 100 2.56 8.21 -25.74
CA VAL E 100 3.39 7.02 -25.38
C VAL E 100 4.28 6.67 -26.58
N ASP E 101 5.59 6.89 -26.45
CA ASP E 101 6.62 6.71 -27.52
C ASP E 101 7.76 5.84 -26.97
N LEU E 102 7.95 4.65 -27.55
CA LEU E 102 8.93 3.63 -27.10
C LEU E 102 10.17 3.65 -28.01
N GLU E 103 10.20 4.52 -29.03
CA GLU E 103 11.25 4.59 -30.07
C GLU E 103 12.30 5.65 -29.71
N ARG E 104 11.92 6.71 -28.99
CA ARG E 104 12.80 7.87 -28.67
C ARG E 104 14.14 7.36 -28.12
N GLU E 105 14.11 6.38 -27.20
CA GLU E 105 15.31 5.69 -26.66
C GLU E 105 15.00 4.21 -26.40
N ALA E 106 16.02 3.35 -26.51
CA ALA E 106 15.95 1.89 -26.30
C ALA E 106 16.00 1.59 -24.80
N GLY E 107 15.11 0.69 -24.34
CA GLY E 107 15.01 0.27 -22.93
C GLY E 107 14.32 1.32 -22.07
N LYS E 108 13.45 2.15 -22.66
CA LYS E 108 12.59 3.13 -21.94
C LYS E 108 11.53 3.71 -22.88
N VAL E 109 10.52 4.36 -22.30
CA VAL E 109 9.32 4.91 -23.01
C VAL E 109 9.03 6.32 -22.47
N TYR E 110 8.50 7.21 -23.32
CA TYR E 110 8.14 8.61 -22.99
C TYR E 110 6.61 8.78 -23.08
N MET E 115 -4.28 16.07 -17.85
CA MET E 115 -5.30 15.87 -16.78
C MET E 115 -5.68 17.23 -16.18
N ILE E 116 -6.58 17.23 -15.18
CA ILE E 116 -6.97 18.43 -14.38
C ILE E 116 -6.62 18.16 -12.91
N LEU E 117 -5.42 18.56 -12.50
CA LEU E 117 -4.88 18.38 -11.11
C LEU E 117 -5.27 19.61 -10.28
N ASN E 118 -6.01 19.42 -9.19
CA ASN E 118 -6.42 20.49 -8.24
C ASN E 118 -7.01 21.67 -9.01
N GLY E 119 -7.83 21.38 -10.04
CA GLY E 119 -8.48 22.39 -10.90
C GLY E 119 -7.50 23.19 -11.73
N VAL E 120 -6.41 22.55 -12.18
CA VAL E 120 -5.36 23.15 -13.07
C VAL E 120 -5.05 22.15 -14.18
N CYS E 121 -5.25 22.54 -15.44
CA CYS E 121 -4.96 21.74 -16.66
C CYS E 121 -3.44 21.61 -16.81
N VAL E 122 -2.92 20.37 -16.80
CA VAL E 122 -1.46 20.06 -16.74
C VAL E 122 -1.18 18.74 -17.49
N ILE E 123 0.04 18.61 -18.03
CA ILE E 123 0.50 17.42 -18.81
C ILE E 123 1.64 16.73 -18.05
N TRP E 127 9.86 9.89 -18.53
CA TRP E 127 10.31 8.58 -19.08
C TRP E 127 10.54 7.58 -17.94
N ILE E 128 10.39 6.28 -18.24
CA ILE E 128 10.60 5.14 -17.29
C ILE E 128 11.42 4.05 -18.02
N ASP E 129 12.44 3.50 -17.36
CA ASP E 129 13.27 2.38 -17.88
C ASP E 129 12.42 1.10 -17.89
N LEU E 130 12.49 0.34 -19.00
CA LEU E 130 11.65 -0.88 -19.22
C LEU E 130 12.22 -2.08 -18.45
N GLN E 131 13.42 -1.93 -17.86
CA GLN E 131 14.09 -3.00 -17.06
C GLN E 131 14.03 -2.66 -15.57
N ARG E 132 14.30 -1.41 -15.19
CA ARG E 132 14.39 -0.96 -13.78
C ARG E 132 13.00 -0.51 -13.26
N LEU E 133 12.12 -0.05 -14.15
CA LEU E 133 10.77 0.49 -13.84
C LEU E 133 10.91 1.78 -13.02
N ASP E 134 11.91 2.60 -13.32
CA ASP E 134 12.14 3.94 -12.71
C ASP E 134 12.71 4.88 -13.77
N GLY E 135 12.64 6.19 -13.53
CA GLY E 135 13.16 7.23 -14.45
C GLY E 135 12.84 8.64 -13.96
N MET E 136 12.55 9.55 -14.89
CA MET E 136 12.39 11.01 -14.62
C MET E 136 11.21 11.56 -15.43
N GLY E 137 10.41 12.43 -14.81
CA GLY E 137 9.27 13.15 -15.44
C GLY E 137 9.01 14.48 -14.75
N CYS E 138 7.88 15.12 -15.05
CA CYS E 138 7.48 16.44 -14.48
C CYS E 138 6.09 16.85 -14.96
N LEU E 139 5.57 17.95 -14.39
CA LEU E 139 4.30 18.61 -14.80
C LEU E 139 4.64 19.82 -15.70
N GLU E 140 3.73 20.19 -16.60
CA GLU E 140 3.82 21.38 -17.48
C GLU E 140 2.42 21.96 -17.69
N PHE E 141 2.23 23.24 -17.39
CA PHE E 141 0.92 23.96 -17.49
C PHE E 141 0.41 23.90 -18.93
N ASP E 142 -0.81 23.39 -19.12
CA ASP E 142 -1.48 23.21 -20.43
C ASP E 142 -2.24 24.50 -20.77
N GLU E 143 -1.66 25.35 -21.64
CA GLU E 143 -2.23 26.65 -22.09
C GLU E 143 -3.45 26.38 -22.98
N GLU E 144 -3.39 25.31 -23.78
CA GLU E 144 -4.45 24.90 -24.76
C GLU E 144 -5.79 24.66 -24.03
N ARG E 145 -5.79 23.72 -23.08
CA ARG E 145 -7.02 23.24 -22.39
C ARG E 145 -7.48 24.24 -21.33
N ALA E 146 -6.56 25.04 -20.77
CA ALA E 146 -6.84 26.06 -19.73
C ALA E 146 -7.71 27.19 -20.30
N GLN E 147 -7.64 27.43 -21.61
CA GLN E 147 -8.52 28.38 -22.35
C GLN E 147 -9.84 27.69 -22.69
N GLN E 148 -9.77 26.44 -23.17
CA GLN E 148 -10.95 25.61 -23.56
C GLN E 148 -11.88 25.40 -22.36
N GLU E 149 -11.30 25.11 -21.19
CA GLU E 149 -12.03 24.75 -19.95
C GLU E 149 -12.61 26.02 -19.31
N ASP E 150 -11.86 27.12 -19.30
CA ASP E 150 -12.25 28.41 -18.69
C ASP E 150 -13.38 29.05 -19.52
N ALA E 151 -13.41 28.76 -20.82
CA ALA E 151 -14.43 29.24 -21.79
C ALA E 151 -15.80 28.64 -21.45
N LEU E 152 -15.83 27.47 -20.80
CA LEU E 152 -17.08 26.74 -20.40
C LEU E 152 -17.61 27.33 -19.09
N ALA E 153 -17.78 28.66 -19.02
CA ALA E 153 -18.22 29.40 -17.83
C ALA E 153 -18.61 30.84 -18.21
#